data_5HEE
#
_entry.id   5HEE
#
_cell.length_a   74.373
_cell.length_b   42.543
_cell.length_c   143.506
_cell.angle_alpha   90.00
_cell.angle_beta   94.47
_cell.angle_gamma   90.00
#
_symmetry.space_group_name_H-M   'C 1 2 1'
#
loop_
_entity.id
_entity.type
_entity.pdbx_description
1 polymer 'Putative uncharacterized protein, TK2203 protein'
2 non-polymer 'ZINC ION'
3 non-polymer GLYCEROL
4 water water
#
_entity_poly.entity_id   1
_entity_poly.type   'polypeptide(L)'
_entity_poly.pdbx_seq_one_letter_code
;MLFGIGLMPHGNPALSPEDKETEKLAGVLKDIGKAFSDADSYVLISPHNVRISDHLGVIMAQHLISWLGFEGVELPGEWE
TDRGLAEEVYNAWKGAEIPTVDLHFASRSGRYSRWPLTWGELIPLQFLEKKPLVLLTPARRLSRETLIKAGEVLGEVLEG
SEKKIALIVSADHGHAHDENGPYGYRKESEEYDRLIMELINESRLEELPEIPDELIEKALPDSYWQMLIMLGAMHRVPVK
LVESAYACPTYFGMAGALWVRE
;
_entity_poly.pdbx_strand_id   A,B
#
# COMPACT_ATOMS: atom_id res chain seq x y z
N MET A 1 -21.95 16.12 -5.66
CA MET A 1 -22.36 16.40 -7.04
C MET A 1 -21.18 16.13 -7.96
N LEU A 2 -21.37 15.26 -8.94
CA LEU A 2 -20.31 14.91 -9.88
C LEU A 2 -20.42 15.84 -11.07
N PHE A 3 -19.56 16.85 -11.15
CA PHE A 3 -19.81 17.81 -12.21
C PHE A 3 -18.97 17.59 -13.45
N GLY A 4 -18.07 16.62 -13.41
CA GLY A 4 -17.30 16.29 -14.60
C GLY A 4 -16.42 15.07 -14.45
N ILE A 5 -16.03 14.53 -15.59
CA ILE A 5 -15.10 13.42 -15.64
C ILE A 5 -13.99 13.77 -16.63
N GLY A 6 -12.74 13.54 -16.22
CA GLY A 6 -11.59 13.78 -17.08
C GLY A 6 -10.79 12.50 -17.25
N LEU A 7 -10.68 12.00 -18.47
CA LEU A 7 -9.79 10.90 -18.79
C LEU A 7 -8.45 11.54 -19.16
N MET A 8 -7.39 11.16 -18.46
CA MET A 8 -6.09 11.82 -18.60
C MET A 8 -5.00 10.78 -18.69
N PRO A 9 -3.97 11.05 -19.50
CA PRO A 9 -2.85 10.11 -19.65
C PRO A 9 -1.83 10.30 -18.55
N HIS A 10 -0.85 9.40 -18.52
CA HIS A 10 0.23 9.49 -17.55
C HIS A 10 1.55 9.16 -18.25
N GLY A 11 1.72 9.74 -19.45
CA GLY A 11 2.98 9.65 -20.17
C GLY A 11 3.69 10.99 -20.09
N ASN A 12 5.01 10.93 -19.89
CA ASN A 12 5.83 12.14 -19.86
C ASN A 12 5.67 13.10 -21.06
N PRO A 13 5.45 12.57 -22.28
CA PRO A 13 5.24 13.49 -23.42
C PRO A 13 4.09 14.49 -23.25
N ALA A 14 3.07 14.14 -22.47
CA ALA A 14 1.97 15.06 -22.25
C ALA A 14 2.45 16.36 -21.61
N LEU A 15 3.55 16.29 -20.86
CA LEU A 15 4.12 17.45 -20.20
C LEU A 15 5.11 18.19 -21.10
N SER A 16 5.57 17.54 -22.16
CA SER A 16 6.57 18.12 -23.05
C SER A 16 6.33 17.67 -24.48
N PRO A 17 5.24 18.17 -25.09
CA PRO A 17 4.84 17.71 -26.43
C PRO A 17 5.92 18.00 -27.47
N GLU A 18 6.13 17.04 -28.37
CA GLU A 18 7.16 17.19 -29.40
C GLU A 18 6.53 17.14 -30.78
N ASP A 19 5.23 16.94 -30.84
CA ASP A 19 4.52 16.96 -32.10
C ASP A 19 3.13 17.56 -31.97
N LYS A 20 2.48 17.79 -33.10
CA LYS A 20 1.19 18.48 -33.12
C LYS A 20 0.07 17.67 -32.46
N GLU A 21 0.11 16.36 -32.59
CA GLU A 21 -0.90 15.51 -31.96
C GLU A 21 -0.77 15.59 -30.44
N THR A 22 0.45 15.58 -29.93
CA THR A 22 0.65 15.64 -28.49
C THR A 22 0.31 17.05 -27.96
N GLU A 23 0.57 18.07 -28.78
CA GLU A 23 0.16 19.43 -28.40
C GLU A 23 -1.35 19.55 -28.26
N LYS A 24 -2.11 18.98 -29.19
CA LYS A 24 -3.57 18.99 -29.09
C LYS A 24 -4.01 18.24 -27.84
N LEU A 25 -3.34 17.13 -27.56
CA LEU A 25 -3.61 16.37 -26.34
C LEU A 25 -3.41 17.24 -25.10
N ALA A 26 -2.27 17.90 -25.02
CA ALA A 26 -1.99 18.78 -23.88
C ALA A 26 -3.04 19.91 -23.77
N GLY A 27 -3.51 20.39 -24.91
CA GLY A 27 -4.57 21.39 -24.92
C GLY A 27 -5.83 20.91 -24.22
N VAL A 28 -6.22 19.67 -24.50
CA VAL A 28 -7.39 19.07 -23.87
C VAL A 28 -7.19 18.96 -22.36
N LEU A 29 -5.98 18.56 -21.96
CA LEU A 29 -5.68 18.38 -20.55
C LEU A 29 -5.72 19.73 -19.81
N LYS A 30 -5.22 20.78 -20.47
CA LYS A 30 -5.32 22.12 -19.91
C LYS A 30 -6.77 22.56 -19.77
N ASP A 31 -7.60 22.20 -20.73
CA ASP A 31 -9.02 22.53 -20.66
C ASP A 31 -9.73 21.76 -19.56
N ILE A 32 -9.27 20.54 -19.30
CA ILE A 32 -9.81 19.77 -18.18
C ILE A 32 -9.53 20.50 -16.88
N GLY A 33 -8.30 20.96 -16.74
CA GLY A 33 -7.91 21.73 -15.57
C GLY A 33 -8.80 22.94 -15.39
N LYS A 34 -9.04 23.67 -16.46
CA LYS A 34 -9.88 24.87 -16.38
C LYS A 34 -11.30 24.51 -15.98
N ALA A 35 -11.84 23.47 -16.61
CA ALA A 35 -13.22 23.06 -16.39
C ALA A 35 -13.45 22.69 -14.92
N PHE A 36 -12.42 22.17 -14.27
CA PHE A 36 -12.57 21.61 -12.93
C PHE A 36 -12.03 22.49 -11.82
N SER A 37 -11.65 23.73 -12.17
CA SER A 37 -10.97 24.60 -11.22
C SER A 37 -11.84 25.00 -10.03
N ASP A 38 -13.15 24.87 -10.18
CA ASP A 38 -14.08 25.24 -9.10
C ASP A 38 -14.58 24.00 -8.34
N ALA A 39 -13.95 22.86 -8.59
CA ALA A 39 -14.26 21.66 -7.81
C ALA A 39 -13.87 21.85 -6.36
N ASP A 40 -14.57 21.19 -5.45
CA ASP A 40 -14.14 21.12 -4.06
C ASP A 40 -13.08 20.04 -3.87
N SER A 41 -13.29 18.89 -4.50
CA SER A 41 -12.37 17.76 -4.39
C SER A 41 -12.29 17.02 -5.69
N TYR A 42 -11.19 16.28 -5.89
CA TYR A 42 -11.06 15.33 -6.98
C TYR A 42 -11.08 13.91 -6.45
N VAL A 43 -11.60 13.00 -7.25
CA VAL A 43 -11.39 11.57 -7.07
C VAL A 43 -10.54 11.10 -8.24
N LEU A 44 -9.42 10.44 -7.93
CA LEU A 44 -8.45 10.05 -8.94
C LEU A 44 -8.24 8.54 -8.93
N ILE A 45 -8.53 7.89 -10.05
CA ILE A 45 -8.28 6.46 -10.17
C ILE A 45 -7.01 6.24 -10.97
N SER A 46 -6.03 5.59 -10.36
CA SER A 46 -4.73 5.40 -11.00
C SER A 46 -4.32 3.94 -11.05
N PRO A 47 -3.70 3.51 -12.16
CA PRO A 47 -3.26 2.13 -12.31
C PRO A 47 -1.79 1.93 -11.95
N HIS A 48 -1.11 2.98 -11.52
CA HIS A 48 0.32 2.89 -11.24
C HIS A 48 0.67 3.24 -9.81
N ASN A 49 -0.28 3.06 -8.91
CA ASN A 49 0.03 3.20 -7.51
C ASN A 49 0.00 1.79 -6.93
N VAL A 50 -0.58 1.61 -5.75
CA VAL A 50 -0.71 0.27 -5.20
C VAL A 50 -1.62 -0.55 -6.10
N ARG A 51 -1.27 -1.82 -6.28
CA ARG A 51 -2.02 -2.69 -7.17
C ARG A 51 -2.28 -4.00 -6.45
N ILE A 52 -3.55 -4.25 -6.15
CA ILE A 52 -3.98 -5.50 -5.50
C ILE A 52 -4.76 -6.29 -6.54
N SER A 53 -4.56 -7.61 -6.58
CA SER A 53 -5.19 -8.43 -7.62
C SER A 53 -6.70 -8.32 -7.61
N ASP A 54 -7.27 -8.32 -6.41
CA ASP A 54 -8.70 -8.60 -6.23
C ASP A 54 -9.43 -7.66 -5.26
N HIS A 55 -8.82 -6.53 -4.92
CA HIS A 55 -9.47 -5.54 -4.08
C HIS A 55 -9.19 -4.15 -4.63
N LEU A 56 -10.21 -3.30 -4.62
CA LEU A 56 -10.03 -1.89 -4.98
C LEU A 56 -9.44 -1.15 -3.79
N GLY A 57 -8.40 -0.35 -4.03
CA GLY A 57 -7.77 0.39 -2.96
C GLY A 57 -8.41 1.76 -2.74
N VAL A 58 -8.62 2.11 -1.47
CA VAL A 58 -9.00 3.47 -1.09
C VAL A 58 -7.93 3.99 -0.13
N ILE A 59 -7.15 4.97 -0.58
CA ILE A 59 -6.07 5.47 0.26
C ILE A 59 -6.65 6.44 1.30
N MET A 60 -6.39 6.18 2.58
N MET A 60 -6.35 6.16 2.56
CA MET A 60 -6.92 7.06 3.61
CA MET A 60 -6.87 6.92 3.69
C MET A 60 -5.82 7.79 4.40
C MET A 60 -5.84 7.85 4.31
N ALA A 61 -4.57 7.63 3.96
CA ALA A 61 -3.48 8.41 4.56
C ALA A 61 -3.70 9.88 4.30
N GLN A 62 -3.36 10.71 5.27
CA GLN A 62 -3.67 12.14 5.20
C GLN A 62 -2.94 12.88 4.08
N HIS A 63 -1.65 12.59 3.92
CA HIS A 63 -0.78 13.36 3.06
C HIS A 63 -0.26 12.54 1.88
N LEU A 64 -0.57 13.00 0.67
CA LEU A 64 -0.18 12.27 -0.52
C LEU A 64 1.05 12.95 -1.09
N ILE A 65 2.17 12.24 -1.13
CA ILE A 65 3.46 12.87 -1.35
C ILE A 65 4.17 12.29 -2.57
N SER A 66 4.59 13.16 -3.48
N SER A 66 4.60 13.16 -3.48
CA SER A 66 5.34 12.73 -4.65
CA SER A 66 5.33 12.71 -4.67
C SER A 66 6.52 11.81 -4.28
C SER A 66 6.53 11.83 -4.31
N TRP A 67 6.59 10.66 -4.94
CA TRP A 67 7.64 9.68 -4.65
C TRP A 67 8.33 9.09 -5.89
N LEU A 68 7.58 8.73 -6.92
CA LEU A 68 8.14 7.93 -7.99
C LEU A 68 7.73 8.47 -9.36
N GLY A 69 8.65 9.19 -9.99
CA GLY A 69 8.42 9.61 -11.36
C GLY A 69 8.82 8.54 -12.35
N PHE A 70 8.44 8.73 -13.61
CA PHE A 70 8.77 7.80 -14.66
C PHE A 70 10.00 8.32 -15.40
N GLU A 71 10.97 7.44 -15.63
CA GLU A 71 12.17 7.80 -16.39
C GLU A 71 12.83 9.08 -15.89
N GLY A 72 12.91 9.19 -14.56
CA GLY A 72 13.62 10.27 -13.90
C GLY A 72 12.95 11.61 -13.94
N VAL A 73 11.74 11.67 -14.48
CA VAL A 73 11.01 12.94 -14.53
C VAL A 73 10.28 13.14 -13.22
N GLU A 74 10.88 13.97 -12.37
CA GLU A 74 10.40 14.22 -11.03
C GLU A 74 9.39 15.36 -11.04
N LEU A 75 8.28 15.13 -10.37
CA LEU A 75 7.22 16.10 -10.26
C LEU A 75 6.92 16.22 -8.78
N PRO A 76 7.69 17.09 -8.09
CA PRO A 76 7.55 17.20 -6.63
C PRO A 76 6.22 17.86 -6.27
N GLY A 77 5.74 17.58 -5.06
CA GLY A 77 4.49 18.15 -4.60
C GLY A 77 3.78 17.28 -3.59
N GLU A 78 2.86 17.90 -2.85
CA GLU A 78 2.09 17.21 -1.85
C GLU A 78 0.62 17.59 -1.98
N TRP A 79 -0.26 16.60 -1.83
CA TRP A 79 -1.70 16.79 -1.90
C TRP A 79 -2.28 16.25 -0.61
N GLU A 80 -3.52 16.61 -0.33
CA GLU A 80 -4.19 16.14 0.88
C GLU A 80 -5.36 15.24 0.54
N THR A 81 -5.52 14.17 1.31
CA THR A 81 -6.69 13.32 1.16
C THR A 81 -7.95 13.95 1.73
N ASP A 82 -9.04 13.87 0.97
CA ASP A 82 -10.35 14.23 1.49
C ASP A 82 -10.81 12.99 2.25
N ARG A 83 -10.56 12.96 3.55
CA ARG A 83 -10.82 11.78 4.35
C ARG A 83 -12.29 11.43 4.49
N GLY A 84 -13.12 12.46 4.64
CA GLY A 84 -14.56 12.23 4.71
C GLY A 84 -15.07 11.53 3.45
N LEU A 85 -14.68 12.05 2.29
CA LEU A 85 -15.12 11.47 1.02
C LEU A 85 -14.53 10.07 0.82
N ALA A 86 -13.26 9.91 1.18
CA ALA A 86 -12.60 8.60 1.07
C ALA A 86 -13.35 7.55 1.88
N GLU A 87 -13.72 7.91 3.10
CA GLU A 87 -14.48 7.00 3.93
C GLU A 87 -15.86 6.69 3.35
N GLU A 88 -16.52 7.68 2.76
CA GLU A 88 -17.79 7.44 2.09
C GLU A 88 -17.64 6.44 0.95
N VAL A 89 -16.57 6.57 0.18
CA VAL A 89 -16.37 5.66 -0.94
C VAL A 89 -16.15 4.24 -0.44
N TYR A 90 -15.24 4.08 0.51
CA TYR A 90 -14.94 2.78 1.09
C TYR A 90 -16.18 2.13 1.69
N ASN A 91 -16.95 2.92 2.46
CA ASN A 91 -18.12 2.34 3.13
C ASN A 91 -19.19 1.92 2.15
N ALA A 92 -19.36 2.70 1.09
CA ALA A 92 -20.36 2.36 0.09
C ALA A 92 -19.97 1.09 -0.66
N TRP A 93 -18.69 0.98 -1.00
CA TRP A 93 -18.20 -0.22 -1.64
C TRP A 93 -18.36 -1.44 -0.74
N LYS A 94 -18.05 -1.29 0.54
CA LYS A 94 -18.21 -2.41 1.48
C LYS A 94 -19.66 -2.84 1.55
N GLY A 95 -20.56 -1.85 1.65
CA GLY A 95 -21.98 -2.11 1.70
C GLY A 95 -22.52 -2.80 0.47
N ALA A 96 -21.89 -2.53 -0.68
CA ALA A 96 -22.32 -3.10 -1.96
C ALA A 96 -21.58 -4.39 -2.31
N GLU A 97 -20.82 -4.92 -1.36
CA GLU A 97 -20.07 -6.16 -1.56
C GLU A 97 -19.02 -6.06 -2.68
N ILE A 98 -18.45 -4.87 -2.84
CA ILE A 98 -17.33 -4.65 -3.75
C ILE A 98 -16.07 -4.86 -2.93
N PRO A 99 -15.19 -5.79 -3.35
CA PRO A 99 -13.99 -6.03 -2.53
C PRO A 99 -13.09 -4.79 -2.50
N THR A 100 -12.79 -4.31 -1.29
CA THR A 100 -12.03 -3.08 -1.15
C THR A 100 -11.24 -3.10 0.16
N VAL A 101 -10.12 -2.39 0.17
CA VAL A 101 -9.34 -2.22 1.41
C VAL A 101 -9.11 -0.74 1.69
N ASP A 102 -9.10 -0.41 2.98
CA ASP A 102 -8.81 0.92 3.47
C ASP A 102 -7.32 1.00 3.76
N LEU A 103 -6.61 1.84 3.02
CA LEU A 103 -5.16 1.83 3.09
C LEU A 103 -4.63 3.02 3.89
N HIS A 104 -4.19 2.73 5.11
CA HIS A 104 -3.43 3.68 5.92
C HIS A 104 -1.95 3.35 5.82
N PHE A 105 -1.11 4.25 6.31
CA PHE A 105 0.32 4.04 6.23
C PHE A 105 1.02 4.76 7.38
N ALA A 106 1.81 3.97 8.14
CA ALA A 106 2.68 4.42 9.22
C ALA A 106 1.91 4.85 10.47
N SER A 107 1.15 5.92 10.36
N SER A 107 1.15 5.93 10.35
CA SER A 107 0.35 6.41 11.47
CA SER A 107 0.37 6.44 11.47
C SER A 107 -1.01 6.81 10.93
C SER A 107 -1.01 6.79 10.93
N ARG A 108 -2.01 6.81 11.79
CA ARG A 108 -3.37 7.07 11.31
C ARG A 108 -3.71 8.57 11.27
N SER A 109 -2.82 9.41 11.78
CA SER A 109 -2.96 10.86 11.65
C SER A 109 -1.61 11.55 11.79
N GLY A 110 -1.56 12.85 11.47
CA GLY A 110 -0.33 13.59 11.65
C GLY A 110 0.56 13.55 10.42
N ARG A 111 1.77 14.10 10.52
CA ARG A 111 2.65 14.18 9.37
C ARG A 111 3.10 12.80 8.87
N TYR A 112 3.10 11.81 9.75
CA TYR A 112 3.51 10.46 9.33
C TYR A 112 2.42 9.67 8.62
N SER A 113 1.19 10.18 8.65
CA SER A 113 0.10 9.59 7.86
C SER A 113 0.25 10.05 6.43
N ARG A 114 1.00 9.28 5.65
CA ARG A 114 1.35 9.71 4.30
C ARG A 114 1.44 8.53 3.35
N TRP A 115 1.27 8.83 2.07
CA TRP A 115 1.21 7.79 1.05
C TRP A 115 1.96 8.27 -0.19
N PRO A 116 2.75 7.42 -0.83
CA PRO A 116 3.55 7.84 -1.98
C PRO A 116 2.73 7.96 -3.26
N LEU A 117 3.02 8.99 -4.05
CA LEU A 117 2.42 9.17 -5.36
C LEU A 117 3.43 8.85 -6.47
N THR A 118 2.91 8.36 -7.60
CA THR A 118 3.74 8.06 -8.75
C THR A 118 3.29 8.88 -9.94
N TRP A 119 4.01 8.74 -11.05
CA TRP A 119 3.67 9.41 -12.29
C TRP A 119 2.23 9.15 -12.72
N GLY A 120 1.68 8.00 -12.31
CA GLY A 120 0.31 7.69 -12.67
C GLY A 120 -0.67 8.72 -12.14
N GLU A 121 -0.32 9.31 -10.98
CA GLU A 121 -1.12 10.38 -10.40
C GLU A 121 -0.54 11.76 -10.70
N LEU A 122 0.79 11.85 -10.61
CA LEU A 122 1.46 13.15 -10.71
C LEU A 122 1.32 13.81 -12.08
N ILE A 123 1.33 13.03 -13.15
CA ILE A 123 1.18 13.63 -14.48
C ILE A 123 -0.21 14.27 -14.67
N PRO A 124 -1.31 13.52 -14.43
CA PRO A 124 -2.60 14.23 -14.46
C PRO A 124 -2.67 15.43 -13.52
N LEU A 125 -2.12 15.29 -12.32
CA LEU A 125 -2.19 16.37 -11.34
C LEU A 125 -1.46 17.64 -11.75
N GLN A 126 -0.54 17.53 -12.72
CA GLN A 126 0.18 18.72 -13.18
C GLN A 126 -0.78 19.71 -13.82
N PHE A 127 -1.88 19.20 -14.37
CA PHE A 127 -2.81 20.02 -15.14
C PHE A 127 -3.95 20.60 -14.31
N LEU A 128 -4.05 20.18 -13.06
CA LEU A 128 -5.19 20.53 -12.22
C LEU A 128 -4.80 21.48 -11.09
N GLU A 129 -5.71 22.41 -10.76
CA GLU A 129 -5.52 23.23 -9.58
C GLU A 129 -5.56 22.32 -8.36
N LYS A 130 -4.70 22.61 -7.39
CA LYS A 130 -4.62 21.78 -6.19
C LYS A 130 -5.92 21.80 -5.38
N LYS A 131 -6.43 20.61 -5.12
CA LYS A 131 -7.63 20.41 -4.30
C LYS A 131 -7.40 19.12 -3.52
N PRO A 132 -8.15 18.92 -2.44
CA PRO A 132 -8.14 17.62 -1.76
C PRO A 132 -8.55 16.49 -2.71
N LEU A 133 -7.99 15.30 -2.49
CA LEU A 133 -8.11 14.17 -3.40
C LEU A 133 -8.56 12.91 -2.68
N VAL A 134 -9.22 12.01 -3.39
CA VAL A 134 -9.35 10.63 -2.95
C VAL A 134 -8.68 9.77 -4.02
N LEU A 135 -7.64 9.06 -3.64
CA LEU A 135 -6.93 8.17 -4.54
C LEU A 135 -7.51 6.76 -4.44
N LEU A 136 -7.91 6.23 -5.59
CA LEU A 136 -8.50 4.90 -5.73
C LEU A 136 -7.68 4.08 -6.71
N THR A 137 -7.63 2.77 -6.48
CA THR A 137 -6.89 1.88 -7.38
C THR A 137 -7.76 0.73 -7.89
N PRO A 138 -7.65 0.44 -9.20
CA PRO A 138 -8.41 -0.66 -9.78
C PRO A 138 -7.78 -2.00 -9.43
N ALA A 139 -8.49 -3.08 -9.70
CA ALA A 139 -7.99 -4.43 -9.47
C ALA A 139 -8.28 -5.27 -10.71
N ARG A 140 -7.24 -5.82 -11.32
CA ARG A 140 -7.34 -6.45 -12.63
C ARG A 140 -7.95 -7.85 -12.64
N ARG A 141 -8.06 -8.48 -11.47
CA ARG A 141 -8.69 -9.80 -11.39
C ARG A 141 -10.16 -9.75 -10.99
N LEU A 142 -10.72 -8.55 -10.90
CA LEU A 142 -12.15 -8.40 -10.71
C LEU A 142 -12.85 -8.45 -12.08
N SER A 143 -14.08 -8.96 -12.10
CA SER A 143 -14.81 -9.09 -13.34
C SER A 143 -15.24 -7.73 -13.87
N ARG A 144 -15.59 -7.69 -15.16
CA ARG A 144 -16.14 -6.47 -15.75
C ARG A 144 -17.36 -6.01 -14.99
N GLU A 145 -18.22 -6.96 -14.64
CA GLU A 145 -19.46 -6.65 -13.94
C GLU A 145 -19.17 -6.01 -12.59
N THR A 146 -18.17 -6.53 -11.88
CA THR A 146 -17.82 -5.99 -10.57
C THR A 146 -17.22 -4.58 -10.70
N LEU A 147 -16.38 -4.37 -11.70
CA LEU A 147 -15.76 -3.06 -11.92
C LEU A 147 -16.79 -2.00 -12.29
N ILE A 148 -17.74 -2.39 -13.14
CA ILE A 148 -18.80 -1.47 -13.54
C ILE A 148 -19.69 -1.14 -12.34
N LYS A 149 -20.04 -2.16 -11.57
CA LYS A 149 -20.85 -1.98 -10.36
C LYS A 149 -20.12 -1.06 -9.37
N ALA A 150 -18.81 -1.25 -9.23
CA ALA A 150 -18.00 -0.37 -8.37
C ALA A 150 -18.08 1.07 -8.83
N GLY A 151 -18.05 1.28 -10.14
CA GLY A 151 -18.18 2.62 -10.68
C GLY A 151 -19.55 3.22 -10.42
N GLU A 152 -20.60 2.39 -10.51
CA GLU A 152 -21.95 2.87 -10.24
C GLU A 152 -22.08 3.34 -8.79
N VAL A 153 -21.59 2.53 -7.86
CA VAL A 153 -21.64 2.89 -6.46
C VAL A 153 -20.78 4.15 -6.21
N LEU A 154 -19.60 4.21 -6.83
CA LEU A 154 -18.78 5.42 -6.75
C LEU A 154 -19.53 6.66 -7.25
N GLY A 155 -20.17 6.56 -8.40
CA GLY A 155 -20.95 7.66 -8.94
C GLY A 155 -22.04 8.11 -7.98
N GLU A 156 -22.68 7.15 -7.31
CA GLU A 156 -23.72 7.46 -6.32
C GLU A 156 -23.16 8.31 -5.18
N VAL A 157 -22.01 7.90 -4.66
CA VAL A 157 -21.36 8.64 -3.60
C VAL A 157 -20.97 10.05 -4.04
N LEU A 158 -20.36 10.15 -5.21
CA LEU A 158 -19.88 11.45 -5.68
C LEU A 158 -21.04 12.39 -6.01
N GLU A 159 -22.10 11.83 -6.60
CA GLU A 159 -23.25 12.64 -6.94
C GLU A 159 -24.02 13.11 -5.70
N GLY A 160 -24.11 12.22 -4.71
CA GLY A 160 -24.88 12.52 -3.51
C GLY A 160 -24.19 13.47 -2.56
N SER A 161 -22.86 13.60 -2.69
CA SER A 161 -22.09 14.51 -1.85
C SER A 161 -22.56 15.95 -2.03
N GLU A 162 -22.46 16.76 -0.98
CA GLU A 162 -22.74 18.18 -1.14
C GLU A 162 -21.56 18.89 -1.84
N LYS A 163 -20.42 18.22 -1.89
CA LYS A 163 -19.24 18.77 -2.55
C LYS A 163 -19.34 18.68 -4.07
N LYS A 164 -18.76 19.67 -4.74
CA LYS A 164 -18.57 19.60 -6.18
C LYS A 164 -17.32 18.76 -6.47
N ILE A 165 -17.52 17.62 -7.11
CA ILE A 165 -16.45 16.65 -7.31
C ILE A 165 -16.19 16.40 -8.79
N ALA A 166 -14.91 16.36 -9.17
CA ALA A 166 -14.54 15.88 -10.50
C ALA A 166 -13.82 14.55 -10.39
N LEU A 167 -14.17 13.62 -11.27
CA LEU A 167 -13.56 12.31 -11.33
C LEU A 167 -12.47 12.29 -12.40
N ILE A 168 -11.24 11.97 -11.98
CA ILE A 168 -10.09 11.92 -12.87
C ILE A 168 -9.70 10.46 -13.06
N VAL A 169 -9.63 10.02 -14.31
CA VAL A 169 -9.32 8.64 -14.62
C VAL A 169 -8.00 8.62 -15.37
N SER A 170 -6.95 8.16 -14.70
CA SER A 170 -5.62 8.12 -15.29
C SER A 170 -5.47 6.82 -16.07
N ALA A 171 -5.06 6.95 -17.33
CA ALA A 171 -5.11 5.81 -18.23
C ALA A 171 -4.27 6.04 -19.47
N ASP A 172 -3.37 5.09 -19.76
CA ASP A 172 -2.71 5.03 -21.06
C ASP A 172 -3.17 3.75 -21.74
N HIS A 173 -3.04 3.72 -23.06
CA HIS A 173 -3.68 2.65 -23.84
C HIS A 173 -2.65 1.64 -24.34
N GLY A 174 -2.78 1.14 -25.57
CA GLY A 174 -1.85 0.11 -26.00
C GLY A 174 -0.38 0.51 -25.90
N HIS A 175 0.48 -0.43 -25.49
CA HIS A 175 1.89 -0.13 -25.24
C HIS A 175 2.86 -0.80 -26.22
N ALA A 176 2.34 -1.39 -27.29
CA ALA A 176 3.21 -2.05 -28.25
C ALA A 176 3.08 -1.50 -29.67
N HIS A 177 3.22 -0.20 -29.78
CA HIS A 177 3.10 0.43 -31.08
C HIS A 177 4.39 0.53 -31.86
N ASP A 178 5.53 0.31 -31.22
CA ASP A 178 6.81 0.49 -31.87
C ASP A 178 7.73 -0.68 -31.58
N GLU A 179 8.39 -1.19 -32.62
CA GLU A 179 9.25 -2.35 -32.54
C GLU A 179 10.37 -2.05 -31.59
N ASN A 180 10.75 -0.81 -31.55
CA ASN A 180 11.80 -0.37 -30.70
C ASN A 180 11.41 0.00 -29.31
N GLY A 181 10.12 -0.04 -29.03
CA GLY A 181 9.63 0.13 -27.69
C GLY A 181 9.85 -1.05 -26.77
N PRO A 182 9.70 -0.82 -25.48
CA PRO A 182 9.99 -1.82 -24.47
C PRO A 182 9.12 -3.04 -24.55
N TYR A 183 7.95 -2.95 -25.16
CA TYR A 183 7.15 -4.10 -25.39
C TYR A 183 7.17 -4.53 -26.84
N GLY A 184 8.02 -3.93 -27.66
CA GLY A 184 8.03 -4.25 -29.07
C GLY A 184 6.76 -3.88 -29.79
N TYR A 185 6.54 -4.46 -30.96
CA TYR A 185 5.37 -4.13 -31.75
C TYR A 185 4.33 -5.21 -31.77
N ARG A 186 3.09 -4.86 -31.51
CA ARG A 186 1.94 -5.67 -31.78
C ARG A 186 0.85 -4.88 -32.44
N LYS A 187 0.29 -5.39 -33.52
CA LYS A 187 -0.76 -4.69 -34.26
C LYS A 187 -2.01 -4.45 -33.40
N GLU A 188 -2.16 -5.26 -32.36
CA GLU A 188 -3.35 -5.17 -31.53
C GLU A 188 -3.38 -3.88 -30.70
N SER A 189 -2.21 -3.30 -30.45
CA SER A 189 -2.16 -2.02 -29.74
C SER A 189 -2.97 -0.95 -30.47
N GLU A 190 -2.76 -0.79 -31.77
CA GLU A 190 -3.51 0.20 -32.53
C GLU A 190 -5.00 -0.14 -32.66
N GLU A 191 -5.31 -1.42 -32.77
CA GLU A 191 -6.69 -1.89 -32.82
C GLU A 191 -7.45 -1.47 -31.55
N TYR A 192 -6.84 -1.70 -30.40
CA TYR A 192 -7.42 -1.31 -29.12
C TYR A 192 -7.57 0.21 -29.05
N ASP A 193 -6.49 0.92 -29.35
CA ASP A 193 -6.52 2.38 -29.27
C ASP A 193 -7.58 3.01 -30.16
N ARG A 194 -7.66 2.56 -31.41
CA ARG A 194 -8.67 3.08 -32.33
C ARG A 194 -10.10 2.79 -31.84
N LEU A 195 -10.28 1.59 -31.27
CA LEU A 195 -11.58 1.21 -30.72
C LEU A 195 -11.96 2.11 -29.54
N ILE A 196 -11.04 2.30 -28.61
CA ILE A 196 -11.30 3.19 -27.48
C ILE A 196 -11.67 4.60 -27.93
N MET A 197 -10.93 5.15 -28.90
CA MET A 197 -11.22 6.49 -29.38
C MET A 197 -12.58 6.60 -30.09
N GLU A 198 -12.95 5.57 -30.81
CA GLU A 198 -14.27 5.55 -31.44
C GLU A 198 -15.36 5.50 -30.36
N LEU A 199 -15.15 4.69 -29.33
CA LEU A 199 -16.14 4.58 -28.26
C LEU A 199 -16.32 5.90 -27.54
N ILE A 200 -15.20 6.56 -27.24
CA ILE A 200 -15.24 7.89 -26.65
C ILE A 200 -15.94 8.88 -27.56
N ASN A 201 -15.46 9.01 -28.78
CA ASN A 201 -15.90 10.10 -29.67
C ASN A 201 -17.33 9.98 -30.16
N GLU A 202 -17.81 8.75 -30.27
CA GLU A 202 -19.17 8.51 -30.76
C GLU A 202 -20.13 8.24 -29.59
N SER A 203 -19.68 8.53 -28.37
CA SER A 203 -20.50 8.34 -27.17
C SER A 203 -21.07 6.93 -27.07
N ARG A 204 -20.19 5.94 -27.24
CA ARG A 204 -20.57 4.53 -27.23
C ARG A 204 -19.77 3.71 -26.21
N LEU A 205 -19.45 4.35 -25.09
CA LEU A 205 -18.68 3.68 -24.04
C LEU A 205 -19.39 2.49 -23.39
N GLU A 206 -20.71 2.40 -23.56
CA GLU A 206 -21.45 1.22 -23.09
C GLU A 206 -20.93 -0.08 -23.71
N GLU A 207 -20.21 0.03 -24.82
CA GLU A 207 -19.65 -1.16 -25.45
C GLU A 207 -18.30 -1.61 -24.89
N LEU A 208 -17.76 -0.84 -23.95
CA LEU A 208 -16.50 -1.21 -23.29
C LEU A 208 -16.42 -2.66 -22.79
N PRO A 209 -17.45 -3.15 -22.07
CA PRO A 209 -17.37 -4.50 -21.55
C PRO A 209 -17.28 -5.59 -22.62
N GLU A 210 -17.62 -5.26 -23.86
CA GLU A 210 -17.63 -6.24 -24.94
C GLU A 210 -16.25 -6.48 -25.57
N ILE A 211 -15.27 -5.67 -25.18
CA ILE A 211 -13.90 -5.90 -25.64
C ILE A 211 -13.36 -7.18 -25.03
N PRO A 212 -12.99 -8.15 -25.89
CA PRO A 212 -12.53 -9.46 -25.43
C PRO A 212 -11.18 -9.42 -24.73
N ASP A 213 -10.96 -10.36 -23.83
CA ASP A 213 -9.70 -10.47 -23.10
C ASP A 213 -8.53 -10.62 -24.05
N GLU A 214 -8.77 -11.30 -25.18
CA GLU A 214 -7.74 -11.55 -26.18
C GLU A 214 -7.12 -10.25 -26.68
N LEU A 215 -7.96 -9.29 -27.01
CA LEU A 215 -7.46 -8.02 -27.53
C LEU A 215 -6.70 -7.30 -26.43
N ILE A 216 -7.23 -7.36 -25.22
CA ILE A 216 -6.59 -6.69 -24.09
C ILE A 216 -5.23 -7.28 -23.77
N GLU A 217 -5.15 -8.61 -23.73
CA GLU A 217 -3.87 -9.28 -23.46
C GLU A 217 -2.80 -8.92 -24.50
N LYS A 218 -3.22 -8.79 -25.76
CA LYS A 218 -2.28 -8.54 -26.84
C LYS A 218 -1.88 -7.07 -26.96
N ALA A 219 -2.85 -6.18 -26.76
CA ALA A 219 -2.65 -4.74 -26.92
C ALA A 219 -1.82 -4.13 -25.79
N LEU A 220 -1.83 -4.79 -24.63
CA LEU A 220 -1.12 -4.29 -23.45
C LEU A 220 -1.47 -2.85 -23.04
N PRO A 221 -2.76 -2.58 -22.80
CA PRO A 221 -3.11 -1.27 -22.26
C PRO A 221 -3.06 -1.28 -20.73
N ASP A 222 -3.05 -0.11 -20.11
CA ASP A 222 -3.32 -0.06 -18.67
C ASP A 222 -4.71 0.49 -18.39
N SER A 223 -5.40 0.92 -19.43
CA SER A 223 -6.59 1.75 -19.27
C SER A 223 -7.90 1.03 -18.98
N TYR A 224 -7.99 -0.24 -19.38
CA TYR A 224 -9.29 -0.90 -19.49
C TYR A 224 -10.07 -0.93 -18.19
N TRP A 225 -9.40 -1.38 -17.13
CA TRP A 225 -10.06 -1.64 -15.85
C TRP A 225 -10.64 -0.38 -15.22
N GLN A 226 -9.85 0.69 -15.17
CA GLN A 226 -10.35 1.92 -14.58
C GLN A 226 -11.40 2.57 -15.48
N MET A 227 -11.33 2.31 -16.79
CA MET A 227 -12.34 2.85 -17.68
C MET A 227 -13.71 2.17 -17.49
N LEU A 228 -13.69 0.91 -17.07
CA LEU A 228 -14.93 0.22 -16.70
C LEU A 228 -15.55 0.85 -15.45
N ILE A 229 -14.72 1.18 -14.46
CA ILE A 229 -15.21 1.92 -13.30
C ILE A 229 -15.80 3.26 -13.74
N MET A 230 -15.11 3.96 -14.64
CA MET A 230 -15.62 5.23 -15.18
C MET A 230 -17.01 5.07 -15.82
N LEU A 231 -17.16 4.01 -16.61
CA LEU A 231 -18.44 3.73 -17.27
C LEU A 231 -19.53 3.58 -16.23
N GLY A 232 -19.22 2.87 -15.15
CA GLY A 232 -20.20 2.68 -14.09
C GLY A 232 -20.66 4.01 -13.51
N ALA A 233 -19.72 4.94 -13.31
CA ALA A 233 -20.08 6.24 -12.78
C ALA A 233 -20.98 6.98 -13.77
N MET A 234 -20.68 6.82 -15.06
CA MET A 234 -21.48 7.45 -16.11
C MET A 234 -22.92 6.93 -16.13
N HIS A 235 -23.12 5.70 -15.65
CA HIS A 235 -24.48 5.15 -15.51
C HIS A 235 -25.35 5.97 -14.56
N ARG A 236 -24.73 6.58 -13.55
CA ARG A 236 -25.46 7.28 -12.52
C ARG A 236 -25.57 8.78 -12.74
N VAL A 237 -24.67 9.34 -13.54
CA VAL A 237 -24.66 10.78 -13.78
C VAL A 237 -24.55 11.00 -15.28
N PRO A 238 -25.61 11.54 -15.89
CA PRO A 238 -25.59 11.81 -17.33
C PRO A 238 -24.53 12.87 -17.64
N VAL A 239 -23.57 12.50 -18.47
CA VAL A 239 -22.55 13.45 -18.91
C VAL A 239 -22.47 13.48 -20.43
N LYS A 240 -21.85 14.54 -20.95
CA LYS A 240 -21.70 14.69 -22.39
C LYS A 240 -20.26 15.04 -22.71
N LEU A 241 -19.77 14.50 -23.82
CA LEU A 241 -18.41 14.75 -24.26
C LEU A 241 -18.24 16.17 -24.76
N VAL A 242 -17.27 16.90 -24.20
CA VAL A 242 -16.93 18.24 -24.63
C VAL A 242 -15.85 18.20 -25.69
N GLU A 243 -14.77 17.48 -25.40
CA GLU A 243 -13.74 17.26 -26.39
C GLU A 243 -12.82 16.10 -26.02
N SER A 244 -11.99 15.71 -26.97
CA SER A 244 -11.09 14.60 -26.79
C SER A 244 -9.91 14.76 -27.73
N ALA A 245 -8.82 14.07 -27.39
CA ALA A 245 -7.63 14.03 -28.25
C ALA A 245 -6.85 12.75 -28.00
N TYR A 246 -6.21 12.23 -29.05
CA TYR A 246 -5.39 11.04 -28.95
C TYR A 246 -4.00 11.37 -29.50
N ALA A 247 -2.97 10.82 -28.89
CA ALA A 247 -1.62 10.95 -29.41
C ALA A 247 -0.82 9.72 -29.08
N CYS A 248 0.08 9.34 -29.98
CA CYS A 248 0.97 8.22 -29.81
C CYS A 248 2.36 8.59 -30.32
N PRO A 249 3.06 9.49 -29.62
CA PRO A 249 4.35 9.99 -30.14
C PRO A 249 5.45 8.93 -30.11
N THR A 250 5.41 8.01 -29.17
CA THR A 250 6.44 6.98 -29.09
C THR A 250 5.83 5.58 -29.28
N TYR A 251 5.70 4.82 -28.20
CA TYR A 251 5.26 3.43 -28.34
C TYR A 251 3.94 3.13 -27.64
N PHE A 252 3.31 4.14 -27.04
CA PHE A 252 2.08 3.92 -26.30
C PHE A 252 1.03 5.00 -26.53
N GLY A 253 -0.23 4.59 -26.61
CA GLY A 253 -1.31 5.52 -26.86
C GLY A 253 -1.74 6.29 -25.63
N MET A 254 -2.03 7.57 -25.82
CA MET A 254 -2.51 8.47 -24.76
C MET A 254 -3.75 9.17 -25.25
N ALA A 255 -4.73 9.35 -24.37
CA ALA A 255 -5.93 10.09 -24.70
C ALA A 255 -6.28 11.04 -23.58
N GLY A 256 -6.91 12.16 -23.95
CA GLY A 256 -7.51 13.08 -23.00
C GLY A 256 -8.95 13.26 -23.42
N ALA A 257 -9.85 13.31 -22.45
CA ALA A 257 -11.25 13.55 -22.76
C ALA A 257 -11.94 14.21 -21.59
N LEU A 258 -12.82 15.16 -21.91
CA LEU A 258 -13.60 15.88 -20.90
C LEU A 258 -15.08 15.63 -21.11
N TRP A 259 -15.74 15.13 -20.07
CA TRP A 259 -17.20 15.07 -20.03
C TRP A 259 -17.71 15.99 -18.94
N VAL A 260 -18.80 16.70 -19.22
CA VAL A 260 -19.44 17.56 -18.23
C VAL A 260 -20.90 17.15 -18.08
N ARG A 261 -21.55 17.69 -17.05
CA ARG A 261 -22.94 17.34 -16.79
C ARG A 261 -23.80 17.71 -17.98
N GLU A 262 -24.68 16.80 -18.37
CA GLU A 262 -25.50 17.01 -19.56
C GLU A 262 -26.50 18.13 -19.33
N MET B 1 12.67 -24.00 6.42
CA MET B 1 12.98 -24.19 7.84
C MET B 1 12.86 -22.85 8.54
N LEU B 2 12.07 -22.81 9.60
CA LEU B 2 12.03 -21.61 10.42
C LEU B 2 13.13 -21.74 11.44
N PHE B 3 14.20 -20.98 11.24
CA PHE B 3 15.41 -21.13 12.02
C PHE B 3 15.31 -20.49 13.39
N GLY B 4 14.54 -19.41 13.47
CA GLY B 4 14.37 -18.74 14.74
C GLY B 4 13.47 -17.54 14.59
N ILE B 5 13.21 -16.89 15.72
CA ILE B 5 12.36 -15.71 15.76
C ILE B 5 13.06 -14.63 16.54
N GLY B 6 13.01 -13.40 16.03
CA GLY B 6 13.56 -12.27 16.76
C GLY B 6 12.52 -11.20 16.93
N LEU B 7 12.23 -10.84 18.18
CA LEU B 7 11.38 -9.71 18.50
C LEU B 7 12.29 -8.50 18.63
N MET B 8 12.03 -7.45 17.86
CA MET B 8 12.92 -6.29 17.82
C MET B 8 12.11 -5.01 17.87
N PRO B 9 12.66 -3.97 18.50
CA PRO B 9 11.94 -2.69 18.60
C PRO B 9 12.18 -1.82 17.38
N HIS B 10 11.48 -0.69 17.34
CA HIS B 10 11.65 0.26 16.23
C HIS B 10 11.68 1.68 16.79
N GLY B 11 12.46 1.85 17.85
CA GLY B 11 12.69 3.16 18.44
C GLY B 11 14.10 3.63 18.14
N ASN B 12 14.24 4.91 17.85
CA ASN B 12 15.56 5.51 17.61
C ASN B 12 16.62 5.28 18.72
N PRO B 13 16.22 5.29 20.02
CA PRO B 13 17.23 5.05 21.06
C PRO B 13 17.96 3.70 20.94
N ALA B 14 17.33 2.70 20.32
CA ALA B 14 17.99 1.42 20.13
C ALA B 14 19.26 1.52 19.28
N LEU B 15 19.32 2.54 18.43
CA LEU B 15 20.47 2.76 17.54
C LEU B 15 21.53 3.64 18.19
N SER B 16 21.15 4.29 19.28
CA SER B 16 22.05 5.21 19.96
C SER B 16 21.80 5.18 21.46
N PRO B 17 22.17 4.07 22.12
CA PRO B 17 21.84 3.91 23.54
C PRO B 17 22.52 4.97 24.42
N GLU B 18 21.78 5.48 25.39
CA GLU B 18 22.33 6.51 26.28
C GLU B 18 22.27 6.08 27.74
N ASP B 19 21.91 4.82 27.96
CA ASP B 19 21.85 4.26 29.31
C ASP B 19 22.11 2.76 29.29
N LYS B 20 22.36 2.19 30.46
CA LYS B 20 22.73 0.79 30.58
C LYS B 20 21.64 -0.17 30.09
N GLU B 21 20.38 0.14 30.39
CA GLU B 21 19.29 -0.74 29.98
C GLU B 21 19.18 -0.78 28.46
N THR B 22 19.30 0.38 27.83
CA THR B 22 19.21 0.45 26.38
C THR B 22 20.45 -0.18 25.74
N GLU B 23 21.60 -0.03 26.38
CA GLU B 23 22.80 -0.70 25.89
C GLU B 23 22.63 -2.23 25.91
N LYS B 24 22.06 -2.76 26.98
CA LYS B 24 21.79 -4.20 27.07
C LYS B 24 20.82 -4.64 25.95
N LEU B 25 19.81 -3.82 25.69
CA LEU B 25 18.88 -4.07 24.60
C LEU B 25 19.60 -4.13 23.26
N ALA B 26 20.44 -3.15 22.97
CA ALA B 26 21.20 -3.15 21.72
C ALA B 26 22.06 -4.40 21.60
N GLY B 27 22.62 -4.86 22.72
CA GLY B 27 23.39 -6.09 22.73
C GLY B 27 22.57 -7.28 22.27
N VAL B 28 21.34 -7.39 22.77
CA VAL B 28 20.46 -8.48 22.36
C VAL B 28 20.11 -8.37 20.88
N LEU B 29 19.88 -7.14 20.40
CA LEU B 29 19.57 -6.94 18.98
C LEU B 29 20.75 -7.34 18.10
N LYS B 30 21.96 -7.03 18.55
CA LYS B 30 23.16 -7.48 17.84
C LYS B 30 23.30 -8.99 17.87
N ASP B 31 22.94 -9.60 18.99
CA ASP B 31 22.94 -11.07 19.08
C ASP B 31 21.94 -11.70 18.12
N ILE B 32 20.79 -11.07 17.94
CA ILE B 32 19.83 -11.55 16.96
C ILE B 32 20.42 -11.50 15.55
N GLY B 33 21.07 -10.40 15.22
CA GLY B 33 21.73 -10.27 13.93
C GLY B 33 22.76 -11.37 13.70
N LYS B 34 23.61 -11.60 14.70
CA LYS B 34 24.59 -12.67 14.62
C LYS B 34 23.94 -14.05 14.45
N ALA B 35 22.92 -14.33 15.27
CA ALA B 35 22.26 -15.63 15.24
C ALA B 35 21.62 -15.95 13.90
N PHE B 36 21.17 -14.92 13.20
CA PHE B 36 20.45 -15.10 11.95
C PHE B 36 21.29 -14.76 10.73
N SER B 37 22.59 -14.56 10.93
CA SER B 37 23.47 -14.16 9.83
C SER B 37 23.59 -15.20 8.73
N ASP B 38 23.27 -16.45 9.04
CA ASP B 38 23.37 -17.54 8.07
C ASP B 38 22.01 -17.86 7.43
N ALA B 39 21.01 -17.04 7.70
CA ALA B 39 19.70 -17.23 7.08
C ALA B 39 19.75 -16.96 5.58
N ASP B 40 18.83 -17.56 4.83
CA ASP B 40 18.67 -17.25 3.41
C ASP B 40 17.79 -15.99 3.23
N SER B 41 16.71 -15.92 3.99
CA SER B 41 15.77 -14.80 3.89
C SER B 41 15.21 -14.48 5.27
N TYR B 42 14.69 -13.26 5.40
CA TYR B 42 13.95 -12.86 6.58
C TYR B 42 12.50 -12.64 6.23
N VAL B 43 11.60 -12.96 7.14
CA VAL B 43 10.23 -12.49 7.06
C VAL B 43 10.07 -11.45 8.17
N LEU B 44 9.59 -10.27 7.81
CA LEU B 44 9.52 -9.15 8.75
C LEU B 44 8.08 -8.68 8.87
N ILE B 45 7.54 -8.71 10.09
CA ILE B 45 6.19 -8.21 10.33
C ILE B 45 6.32 -6.86 11.01
N SER B 46 5.76 -5.82 10.40
CA SER B 46 5.88 -4.45 10.90
C SER B 46 4.53 -3.77 11.03
N PRO B 47 4.36 -2.97 12.08
CA PRO B 47 3.09 -2.26 12.31
C PRO B 47 3.09 -0.84 11.79
N HIS B 48 4.19 -0.38 11.19
CA HIS B 48 4.28 1.02 10.77
C HIS B 48 4.50 1.18 9.29
N ASN B 49 4.05 0.21 8.51
CA ASN B 49 4.03 0.33 7.07
C ASN B 49 2.57 0.47 6.66
N VAL B 50 2.17 -0.17 5.57
CA VAL B 50 0.76 -0.14 5.19
C VAL B 50 -0.08 -0.81 6.30
N ARG B 51 -1.24 -0.22 6.56
CA ARG B 51 -2.09 -0.71 7.63
C ARG B 51 -3.51 -0.79 7.09
N ILE B 52 -4.02 -2.00 6.96
CA ILE B 52 -5.40 -2.26 6.52
C ILE B 52 -6.15 -2.78 7.72
N SER B 53 -7.41 -2.37 7.87
N SER B 53 -7.40 -2.36 7.89
CA SER B 53 -8.20 -2.73 9.04
CA SER B 53 -8.18 -2.75 9.07
C SER B 53 -8.35 -4.24 9.19
C SER B 53 -8.33 -4.25 9.19
N ASP B 54 -8.62 -4.91 8.08
CA ASP B 54 -9.11 -6.28 8.12
C ASP B 54 -8.44 -7.24 7.14
N HIS B 55 -7.27 -6.88 6.64
CA HIS B 55 -6.51 -7.76 5.77
C HIS B 55 -5.04 -7.66 6.13
N LEU B 56 -4.37 -8.82 6.17
CA LEU B 56 -2.93 -8.86 6.34
C LEU B 56 -2.24 -8.54 5.00
N GLY B 57 -1.25 -7.66 5.04
CA GLY B 57 -0.56 -7.32 3.80
C GLY B 57 0.63 -8.21 3.52
N VAL B 58 0.79 -8.62 2.26
CA VAL B 58 2.02 -9.24 1.81
C VAL B 58 2.59 -8.37 0.70
N ILE B 59 3.73 -7.73 0.95
CA ILE B 59 4.32 -6.84 -0.04
C ILE B 59 5.03 -7.67 -1.11
N MET B 60 4.63 -7.45 -2.36
N MET B 60 4.65 -7.45 -2.37
CA MET B 60 5.16 -8.20 -3.50
CA MET B 60 5.20 -8.23 -3.48
C MET B 60 6.19 -7.41 -4.29
C MET B 60 6.13 -7.39 -4.37
N ALA B 61 6.22 -6.10 -4.09
CA ALA B 61 7.11 -5.22 -4.87
C ALA B 61 8.56 -5.69 -4.74
N GLN B 62 9.30 -5.60 -5.84
CA GLN B 62 10.65 -6.15 -5.90
C GLN B 62 11.66 -5.40 -5.04
N HIS B 63 11.59 -4.08 -5.05
CA HIS B 63 12.58 -3.25 -4.41
C HIS B 63 12.00 -2.50 -3.21
N LEU B 64 12.60 -2.71 -2.04
CA LEU B 64 12.12 -2.10 -0.81
C LEU B 64 13.03 -0.93 -0.50
N ILE B 65 12.46 0.27 -0.49
CA ILE B 65 13.25 1.50 -0.50
C ILE B 65 12.96 2.34 0.74
N SER B 66 14.02 2.71 1.46
N SER B 66 14.01 2.72 1.47
CA SER B 66 13.87 3.60 2.61
CA SER B 66 13.85 3.60 2.61
C SER B 66 13.15 4.89 2.21
C SER B 66 13.15 4.89 2.21
N TRP B 67 12.11 5.26 2.96
CA TRP B 67 11.33 6.45 2.67
C TRP B 67 11.08 7.34 3.88
N LEU B 68 10.70 6.74 5.01
CA LEU B 68 10.17 7.51 6.13
C LEU B 68 10.81 7.13 7.45
N GLY B 69 11.85 7.86 7.82
CA GLY B 69 12.44 7.68 9.15
C GLY B 69 11.59 8.38 10.20
N PHE B 70 11.90 8.12 11.46
CA PHE B 70 11.13 8.74 12.54
C PHE B 70 11.90 9.92 13.11
N GLU B 71 11.21 11.06 13.23
CA GLU B 71 11.77 12.25 13.88
C GLU B 71 13.12 12.68 13.30
N GLY B 72 13.23 12.62 11.97
CA GLY B 72 14.41 13.11 11.29
C GLY B 72 15.52 12.09 11.13
N VAL B 73 15.45 11.00 11.88
CA VAL B 73 16.46 9.96 11.77
C VAL B 73 16.25 9.16 10.50
N GLU B 74 16.94 9.56 9.46
CA GLU B 74 16.86 8.82 8.24
C GLU B 74 17.86 7.69 8.22
N LEU B 75 17.44 6.60 7.68
CA LEU B 75 18.27 5.40 7.60
C LEU B 75 18.20 4.95 6.15
N PRO B 76 18.98 5.61 5.27
CA PRO B 76 18.88 5.28 3.84
C PRO B 76 19.32 3.86 3.55
N GLY B 77 18.68 3.22 2.57
CA GLY B 77 19.01 1.86 2.23
C GLY B 77 17.97 1.21 1.33
N GLU B 78 18.36 0.12 0.68
CA GLU B 78 17.47 -0.61 -0.21
C GLU B 78 17.63 -2.10 0.01
N TRP B 79 16.49 -2.79 0.08
CA TRP B 79 16.46 -4.24 0.26
C TRP B 79 15.65 -4.83 -0.87
N GLU B 80 15.67 -6.14 -0.99
CA GLU B 80 14.95 -6.83 -2.05
C GLU B 80 13.95 -7.82 -1.46
N THR B 81 12.78 -7.91 -2.07
CA THR B 81 11.78 -8.89 -1.68
C THR B 81 12.14 -10.29 -2.18
N ASP B 82 11.98 -11.28 -1.31
CA ASP B 82 12.03 -12.67 -1.73
C ASP B 82 10.65 -12.96 -2.32
N ARG B 83 10.53 -12.77 -3.63
CA ARG B 83 9.21 -12.82 -4.24
C ARG B 83 8.60 -14.22 -4.21
N GLY B 84 9.44 -15.24 -4.40
CA GLY B 84 8.94 -16.59 -4.33
C GLY B 84 8.35 -16.92 -2.96
N LEU B 85 9.07 -16.52 -1.91
CA LEU B 85 8.57 -16.74 -0.56
C LEU B 85 7.33 -15.90 -0.26
N ALA B 86 7.32 -14.66 -0.75
CA ALA B 86 6.15 -13.81 -0.54
C ALA B 86 4.90 -14.45 -1.15
N GLU B 87 5.04 -14.97 -2.37
CA GLU B 87 3.93 -15.64 -3.02
C GLU B 87 3.46 -16.86 -2.24
N GLU B 88 4.39 -17.63 -1.68
CA GLU B 88 4.02 -18.78 -0.86
C GLU B 88 3.20 -18.37 0.35
N VAL B 89 3.62 -17.30 1.01
CA VAL B 89 2.89 -16.82 2.19
C VAL B 89 1.49 -16.38 1.80
N TYR B 90 1.39 -15.57 0.76
CA TYR B 90 0.08 -15.07 0.32
C TYR B 90 -0.84 -16.22 -0.08
N ASN B 91 -0.34 -17.14 -0.89
CA ASN B 91 -1.14 -18.27 -1.35
C ASN B 91 -1.61 -19.13 -0.18
N ALA B 92 -0.76 -19.33 0.82
CA ALA B 92 -1.13 -20.17 1.95
C ALA B 92 -2.19 -19.50 2.81
N TRP B 93 -2.06 -18.19 3.02
CA TRP B 93 -3.08 -17.47 3.75
C TRP B 93 -4.41 -17.51 3.01
N LYS B 94 -4.37 -17.33 1.69
CA LYS B 94 -5.60 -17.42 0.90
C LYS B 94 -6.24 -18.79 1.06
N GLY B 95 -5.43 -19.82 0.96
CA GLY B 95 -5.92 -21.19 1.08
C GLY B 95 -6.53 -21.47 2.44
N ALA B 96 -5.98 -20.84 3.48
CA ALA B 96 -6.45 -21.06 4.85
C ALA B 96 -7.52 -20.06 5.27
N GLU B 97 -8.02 -19.28 4.32
CA GLU B 97 -9.09 -18.31 4.56
C GLU B 97 -8.69 -17.24 5.56
N ILE B 98 -7.42 -16.83 5.47
CA ILE B 98 -6.91 -15.69 6.23
C ILE B 98 -7.02 -14.47 5.31
N PRO B 99 -7.79 -13.45 5.71
CA PRO B 99 -7.92 -12.28 4.83
C PRO B 99 -6.57 -11.62 4.57
N THR B 100 -6.22 -11.50 3.29
CA THR B 100 -4.90 -11.02 2.93
C THR B 100 -4.95 -10.36 1.56
N VAL B 101 -4.06 -9.39 1.33
CA VAL B 101 -3.95 -8.78 0.01
C VAL B 101 -2.50 -8.86 -0.48
N ASP B 102 -2.35 -9.04 -1.79
CA ASP B 102 -1.06 -9.04 -2.46
C ASP B 102 -0.74 -7.62 -2.93
N LEU B 103 0.27 -7.01 -2.33
CA LEU B 103 0.55 -5.61 -2.57
C LEU B 103 1.70 -5.39 -3.55
N HIS B 104 1.33 -5.10 -4.79
CA HIS B 104 2.28 -4.62 -5.79
C HIS B 104 2.22 -3.09 -5.84
N PHE B 105 3.17 -2.48 -6.53
CA PHE B 105 3.18 -1.03 -6.61
C PHE B 105 3.81 -0.59 -7.91
N ALA B 106 3.05 0.23 -8.66
CA ALA B 106 3.48 0.88 -9.91
C ALA B 106 3.60 -0.09 -11.07
N SER B 107 4.52 -1.05 -10.95
CA SER B 107 4.73 -2.09 -11.95
C SER B 107 4.91 -3.43 -11.24
N ARG B 108 4.53 -4.51 -11.90
CA ARG B 108 4.60 -5.83 -11.27
C ARG B 108 6.03 -6.35 -11.12
N SER B 109 6.94 -5.81 -11.92
CA SER B 109 8.34 -6.19 -11.81
C SER B 109 9.23 -5.12 -12.40
N GLY B 110 10.52 -5.27 -12.17
CA GLY B 110 11.51 -4.39 -12.76
C GLY B 110 11.72 -3.12 -11.96
N ARG B 111 12.23 -2.10 -12.63
CA ARG B 111 12.69 -0.88 -11.99
C ARG B 111 11.66 -0.14 -11.13
N TYR B 112 10.42 -0.13 -11.56
CA TYR B 112 9.38 0.66 -10.89
C TYR B 112 8.64 -0.13 -9.84
N SER B 113 8.99 -1.42 -9.70
CA SER B 113 8.38 -2.26 -8.67
C SER B 113 9.06 -1.98 -7.34
N ARG B 114 8.56 -0.96 -6.66
CA ARG B 114 9.19 -0.36 -5.49
C ARG B 114 8.17 -0.13 -4.39
N TRP B 115 8.59 -0.34 -3.14
CA TRP B 115 7.70 -0.16 -2.01
C TRP B 115 8.44 0.60 -0.92
N PRO B 116 7.79 1.58 -0.29
CA PRO B 116 8.47 2.40 0.72
C PRO B 116 8.61 1.70 2.08
N LEU B 117 9.77 1.91 2.72
CA LEU B 117 10.02 1.42 4.07
C LEU B 117 10.03 2.58 5.06
N THR B 118 9.62 2.28 6.28
CA THR B 118 9.60 3.27 7.35
C THR B 118 10.50 2.79 8.48
N TRP B 119 10.62 3.62 9.50
CA TRP B 119 11.36 3.27 10.71
C TRP B 119 10.93 1.93 11.31
N GLY B 120 9.67 1.53 11.11
CA GLY B 120 9.19 0.26 11.63
C GLY B 120 9.97 -0.92 11.11
N GLU B 121 10.45 -0.80 9.88
CA GLU B 121 11.30 -1.82 9.27
C GLU B 121 12.78 -1.45 9.35
N LEU B 122 13.09 -0.18 9.09
CA LEU B 122 14.48 0.24 8.95
C LEU B 122 15.30 0.08 10.23
N ILE B 123 14.67 0.29 11.38
CA ILE B 123 15.40 0.17 12.63
C ILE B 123 15.83 -1.29 12.91
N PRO B 124 14.89 -2.25 12.90
CA PRO B 124 15.35 -3.65 13.04
C PRO B 124 16.38 -4.03 11.97
N LEU B 125 16.19 -3.56 10.73
CA LEU B 125 17.08 -3.94 9.64
C LEU B 125 18.51 -3.46 9.85
N GLN B 126 18.71 -2.45 10.71
CA GLN B 126 20.06 -1.94 10.96
C GLN B 126 20.95 -3.00 11.62
N PHE B 127 20.32 -3.95 12.29
CA PHE B 127 21.04 -4.95 13.07
C PHE B 127 21.28 -6.25 12.31
N LEU B 128 20.64 -6.40 11.16
CA LEU B 128 20.66 -7.65 10.42
C LEU B 128 21.55 -7.56 9.20
N GLU B 129 22.25 -8.64 8.88
CA GLU B 129 22.96 -8.69 7.61
C GLU B 129 21.94 -8.66 6.48
N LYS B 130 22.24 -7.92 5.42
CA LYS B 130 21.31 -7.77 4.32
C LYS B 130 20.97 -9.11 3.68
N LYS B 131 19.67 -9.40 3.61
CA LYS B 131 19.17 -10.61 2.96
C LYS B 131 17.84 -10.24 2.31
N PRO B 132 17.38 -11.06 1.35
CA PRO B 132 16.03 -10.87 0.81
C PRO B 132 15.00 -10.95 1.93
N LEU B 133 13.91 -10.20 1.78
CA LEU B 133 12.91 -10.02 2.84
C LEU B 133 11.53 -10.31 2.30
N VAL B 134 10.62 -10.74 3.18
CA VAL B 134 9.19 -10.66 2.91
C VAL B 134 8.56 -9.77 3.97
N LEU B 135 8.01 -8.63 3.55
CA LEU B 135 7.38 -7.71 4.48
C LEU B 135 5.90 -8.03 4.60
N LEU B 136 5.45 -8.24 5.84
CA LEU B 136 4.06 -8.53 6.15
C LEU B 136 3.52 -7.49 7.11
N THR B 137 2.23 -7.22 7.03
CA THR B 137 1.60 -6.24 7.93
C THR B 137 0.40 -6.83 8.65
N PRO B 138 0.29 -6.57 9.96
CA PRO B 138 -0.86 -7.06 10.74
C PRO B 138 -2.12 -6.22 10.46
N ALA B 139 -3.26 -6.71 10.93
CA ALA B 139 -4.52 -5.97 10.79
C ALA B 139 -5.20 -6.03 12.14
N ARG B 140 -5.49 -4.86 12.70
CA ARG B 140 -5.92 -4.80 14.10
C ARG B 140 -7.40 -5.11 14.31
N ARG B 141 -8.18 -5.17 13.23
CA ARG B 141 -9.60 -5.51 13.37
C ARG B 141 -9.90 -6.97 13.07
N LEU B 142 -8.85 -7.78 12.89
CA LEU B 142 -9.04 -9.22 12.82
C LEU B 142 -9.05 -9.76 14.26
N SER B 143 -9.75 -10.88 14.47
CA SER B 143 -9.85 -11.43 15.82
C SER B 143 -8.50 -11.98 16.28
N ARG B 144 -8.36 -12.15 17.60
CA ARG B 144 -7.19 -12.82 18.15
C ARG B 144 -7.02 -14.20 17.52
N GLU B 145 -8.12 -14.94 17.40
CA GLU B 145 -8.10 -16.26 16.79
C GLU B 145 -7.56 -16.24 15.36
N THR B 146 -8.00 -15.28 14.56
CA THR B 146 -7.57 -15.18 13.18
C THR B 146 -6.09 -14.81 13.07
N LEU B 147 -5.64 -13.92 13.94
CA LEU B 147 -4.23 -13.52 13.93
C LEU B 147 -3.32 -14.68 14.32
N ILE B 148 -3.74 -15.45 15.32
CA ILE B 148 -2.98 -16.63 15.74
C ILE B 148 -2.97 -17.68 14.62
N LYS B 149 -4.12 -17.94 14.02
CA LYS B 149 -4.18 -18.88 12.90
C LYS B 149 -3.29 -18.44 11.74
N ALA B 150 -3.28 -17.14 11.46
CA ALA B 150 -2.39 -16.61 10.43
C ALA B 150 -0.93 -16.95 10.72
N GLY B 151 -0.53 -16.83 11.98
CA GLY B 151 0.82 -17.18 12.35
C GLY B 151 1.11 -18.66 12.22
N GLU B 152 0.12 -19.48 12.54
CA GLU B 152 0.27 -20.93 12.37
C GLU B 152 0.51 -21.29 10.92
N VAL B 153 -0.29 -20.70 10.04
CA VAL B 153 -0.17 -20.97 8.60
C VAL B 153 1.18 -20.44 8.08
N LEU B 154 1.57 -19.25 8.53
CA LEU B 154 2.88 -18.69 8.22
C LEU B 154 4.02 -19.60 8.66
N GLY B 155 3.95 -20.08 9.90
CA GLY B 155 4.96 -20.98 10.42
C GLY B 155 5.12 -22.21 9.55
N GLU B 156 4.00 -22.73 9.07
CA GLU B 156 4.00 -23.92 8.23
C GLU B 156 4.71 -23.64 6.91
N VAL B 157 4.47 -22.45 6.34
CA VAL B 157 5.13 -22.08 5.08
C VAL B 157 6.62 -21.94 5.28
N LEU B 158 7.01 -21.25 6.35
CA LEU B 158 8.43 -20.99 6.58
C LEU B 158 9.14 -22.30 6.89
N GLU B 159 8.48 -23.17 7.64
CA GLU B 159 9.07 -24.46 8.00
C GLU B 159 9.24 -25.37 6.79
N GLY B 160 8.23 -25.39 5.92
CA GLY B 160 8.27 -26.25 4.74
C GLY B 160 9.17 -25.77 3.63
N SER B 161 9.57 -24.50 3.67
CA SER B 161 10.46 -23.94 2.66
C SER B 161 11.84 -24.61 2.70
N GLU B 162 12.48 -24.72 1.54
CA GLU B 162 13.85 -25.23 1.49
C GLU B 162 14.83 -24.25 2.12
N LYS B 163 14.43 -22.99 2.18
CA LYS B 163 15.29 -21.94 2.72
C LYS B 163 15.36 -21.91 4.24
N LYS B 164 16.48 -21.43 4.74
CA LYS B 164 16.64 -21.15 6.17
C LYS B 164 16.13 -19.74 6.39
N ILE B 165 15.04 -19.62 7.16
CA ILE B 165 14.33 -18.34 7.28
C ILE B 165 14.24 -17.90 8.74
N ALA B 166 14.53 -16.63 9.00
CA ALA B 166 14.31 -16.07 10.33
C ALA B 166 13.09 -15.14 10.30
N LEU B 167 12.23 -15.25 11.30
CA LEU B 167 11.05 -14.39 11.42
C LEU B 167 11.38 -13.25 12.36
N ILE B 168 11.24 -12.02 11.87
CA ILE B 168 11.53 -10.81 12.62
C ILE B 168 10.22 -10.09 12.89
N VAL B 169 9.95 -9.83 14.17
CA VAL B 169 8.70 -9.19 14.55
C VAL B 169 9.05 -7.83 15.12
N SER B 170 8.71 -6.77 14.38
CA SER B 170 8.99 -5.40 14.82
C SER B 170 7.87 -4.92 15.72
N ALA B 171 8.22 -4.44 16.91
CA ALA B 171 7.23 -4.20 17.94
C ALA B 171 7.76 -3.27 19.02
N ASP B 172 7.02 -2.21 19.29
CA ASP B 172 7.22 -1.41 20.51
C ASP B 172 5.98 -1.56 21.39
N HIS B 173 6.16 -1.38 22.68
CA HIS B 173 5.12 -1.68 23.64
C HIS B 173 4.41 -0.44 24.13
N GLY B 174 4.08 -0.31 25.40
CA GLY B 174 3.25 0.81 25.82
C GLY B 174 3.91 2.12 25.48
N HIS B 175 3.10 3.12 25.11
CA HIS B 175 3.63 4.41 24.68
C HIS B 175 3.34 5.57 25.62
N ALA B 176 2.95 5.28 26.85
CA ALA B 176 2.66 6.33 27.82
C ALA B 176 3.50 6.20 29.10
N HIS B 177 4.79 6.26 28.92
CA HIS B 177 5.71 6.13 30.05
C HIS B 177 6.37 7.44 30.53
N ASP B 178 5.93 8.56 29.99
CA ASP B 178 6.52 9.84 30.38
C ASP B 178 5.45 10.91 30.26
N GLU B 179 5.28 11.72 31.28
CA GLU B 179 4.27 12.76 31.29
C GLU B 179 4.50 13.68 30.12
N ASN B 180 5.74 13.83 29.68
CA ASN B 180 6.11 14.72 28.57
C ASN B 180 6.01 14.09 27.18
N GLY B 181 5.73 12.78 27.12
CA GLY B 181 5.58 12.11 25.84
C GLY B 181 4.25 12.43 25.18
N PRO B 182 4.08 12.02 23.91
CA PRO B 182 2.89 12.32 23.11
C PRO B 182 1.58 11.80 23.72
N TYR B 183 1.66 10.90 24.69
CA TYR B 183 0.46 10.39 25.35
C TYR B 183 0.46 10.60 26.86
N GLY B 184 1.40 11.41 27.35
CA GLY B 184 1.58 11.56 28.78
C GLY B 184 1.91 10.25 29.46
N TYR B 185 1.66 10.18 30.76
CA TYR B 185 1.94 8.99 31.55
C TYR B 185 0.67 8.21 31.88
N ARG B 186 0.69 6.90 31.65
CA ARG B 186 -0.41 6.03 32.04
C ARG B 186 0.14 4.77 32.69
N LYS B 187 -0.31 4.45 33.91
CA LYS B 187 0.18 3.26 34.59
C LYS B 187 -0.03 1.98 33.78
N GLU B 188 -1.04 1.99 32.91
CA GLU B 188 -1.34 0.80 32.12
C GLU B 188 -0.22 0.48 31.14
N SER B 189 0.55 1.48 30.73
CA SER B 189 1.70 1.20 29.88
C SER B 189 2.71 0.31 30.63
N GLU B 190 2.98 0.65 31.89
CA GLU B 190 3.85 -0.19 32.73
C GLU B 190 3.25 -1.58 32.93
N GLU B 191 1.96 -1.65 33.22
CA GLU B 191 1.30 -2.93 33.43
C GLU B 191 1.43 -3.84 32.21
N TYR B 192 1.16 -3.29 31.02
CA TYR B 192 1.25 -4.07 29.80
C TYR B 192 2.69 -4.52 29.54
N ASP B 193 3.64 -3.60 29.68
CA ASP B 193 5.04 -3.94 29.38
C ASP B 193 5.57 -4.99 30.35
N ARG B 194 5.23 -4.83 31.62
CA ARG B 194 5.63 -5.79 32.64
C ARG B 194 5.06 -7.16 32.28
N LEU B 195 3.80 -7.20 31.86
CA LEU B 195 3.16 -8.46 31.52
C LEU B 195 3.80 -9.13 30.29
N ILE B 196 4.05 -8.35 29.25
CA ILE B 196 4.69 -8.88 28.06
C ILE B 196 6.05 -9.47 28.39
N MET B 197 6.87 -8.76 29.19
CA MET B 197 8.17 -9.28 29.53
C MET B 197 8.06 -10.52 30.40
N GLU B 198 7.05 -10.55 31.26
CA GLU B 198 6.80 -11.74 32.08
C GLU B 198 6.45 -12.93 31.19
N LEU B 199 5.56 -12.73 30.22
CA LEU B 199 5.16 -13.83 29.37
C LEU B 199 6.33 -14.31 28.51
N ILE B 200 7.16 -13.38 28.04
CA ILE B 200 8.35 -13.75 27.28
C ILE B 200 9.29 -14.57 28.16
N ASN B 201 9.63 -14.00 29.31
CA ASN B 201 10.68 -14.58 30.15
C ASN B 201 10.29 -15.89 30.81
N GLU B 202 8.99 -16.08 31.05
CA GLU B 202 8.49 -17.31 31.65
C GLU B 202 7.96 -18.29 30.60
N SER B 203 8.13 -17.93 29.32
CA SER B 203 7.67 -18.77 28.22
C SER B 203 6.19 -19.12 28.38
N ARG B 204 5.39 -18.09 28.60
CA ARG B 204 3.95 -18.24 28.70
C ARG B 204 3.21 -17.33 27.70
N LEU B 205 3.77 -17.20 26.50
CA LEU B 205 3.18 -16.36 25.47
C LEU B 205 1.81 -16.89 25.03
N GLU B 206 1.51 -18.14 25.34
CA GLU B 206 0.18 -18.68 25.11
C GLU B 206 -0.91 -17.85 25.79
N GLU B 207 -0.53 -17.10 26.82
CA GLU B 207 -1.47 -16.23 27.52
C GLU B 207 -1.73 -14.88 26.82
N LEU B 208 -0.98 -14.59 25.75
CA LEU B 208 -1.22 -13.34 25.03
C LEU B 208 -2.68 -13.06 24.66
N PRO B 209 -3.40 -14.04 24.09
CA PRO B 209 -4.79 -13.72 23.73
C PRO B 209 -5.72 -13.45 24.92
N GLU B 210 -5.25 -13.70 26.15
CA GLU B 210 -6.06 -13.42 27.34
C GLU B 210 -5.96 -11.99 27.84
N ILE B 211 -5.05 -11.21 27.28
CA ILE B 211 -4.91 -9.82 27.68
C ILE B 211 -6.14 -9.06 27.25
N PRO B 212 -6.79 -8.37 28.19
CA PRO B 212 -8.07 -7.73 27.87
C PRO B 212 -7.93 -6.51 26.98
N ASP B 213 -8.95 -6.25 26.16
CA ASP B 213 -9.00 -5.05 25.33
C ASP B 213 -8.69 -3.76 26.11
N GLU B 214 -9.23 -3.64 27.33
CA GLU B 214 -9.08 -2.42 28.10
C GLU B 214 -7.62 -2.10 28.39
N LEU B 215 -6.84 -3.11 28.75
CA LEU B 215 -5.44 -2.88 29.03
C LEU B 215 -4.71 -2.43 27.77
N ILE B 216 -4.99 -3.09 26.65
CA ILE B 216 -4.38 -2.70 25.39
C ILE B 216 -4.75 -1.28 24.98
N GLU B 217 -6.02 -0.93 25.14
CA GLU B 217 -6.50 0.41 24.81
C GLU B 217 -5.78 1.50 25.62
N LYS B 218 -5.60 1.25 26.91
CA LYS B 218 -5.01 2.25 27.80
C LYS B 218 -3.48 2.29 27.71
N ALA B 219 -2.87 1.14 27.47
CA ALA B 219 -1.41 1.07 27.42
C ALA B 219 -0.81 1.63 26.14
N LEU B 220 -1.61 1.67 25.08
CA LEU B 220 -1.19 2.16 23.77
C LEU B 220 0.08 1.51 23.19
N PRO B 221 0.11 0.18 23.10
CA PRO B 221 1.24 -0.46 22.44
C PRO B 221 1.01 -0.56 20.95
N ASP B 222 2.07 -0.78 20.18
CA ASP B 222 1.86 -1.24 18.81
C ASP B 222 2.10 -2.75 18.65
N SER B 223 2.57 -3.41 19.72
CA SER B 223 3.13 -4.75 19.60
C SER B 223 2.12 -5.90 19.53
N TYR B 224 0.93 -5.69 20.08
CA TYR B 224 0.04 -6.80 20.40
C TYR B 224 -0.30 -7.69 19.21
N TRP B 225 -0.74 -7.08 18.12
CA TRP B 225 -1.32 -7.81 16.99
C TRP B 225 -0.29 -8.68 16.31
N GLN B 226 0.88 -8.11 16.03
CA GLN B 226 1.92 -8.91 15.40
C GLN B 226 2.51 -9.95 16.36
N MET B 227 2.43 -9.71 17.67
CA MET B 227 2.86 -10.74 18.62
C MET B 227 1.90 -11.93 18.66
N LEU B 228 0.62 -11.71 18.37
CA LEU B 228 -0.31 -12.84 18.20
C LEU B 228 0.05 -13.68 16.97
N ILE B 229 0.46 -13.03 15.88
CA ILE B 229 0.88 -13.77 14.70
C ILE B 229 2.12 -14.57 15.07
N MET B 230 3.03 -13.93 15.79
CA MET B 230 4.24 -14.59 16.26
C MET B 230 3.91 -15.84 17.07
N LEU B 231 2.96 -15.72 17.98
CA LEU B 231 2.52 -16.85 18.80
C LEU B 231 2.06 -18.01 17.92
N GLY B 232 1.31 -17.69 16.88
CA GLY B 232 0.84 -18.72 15.97
C GLY B 232 1.98 -19.48 15.33
N ALA B 233 3.02 -18.76 14.92
CA ALA B 233 4.20 -19.41 14.35
C ALA B 233 4.86 -20.34 15.38
N MET B 234 4.89 -19.90 16.63
CA MET B 234 5.47 -20.70 17.71
C MET B 234 4.65 -21.97 17.94
N HIS B 235 3.36 -21.92 17.64
CA HIS B 235 2.51 -23.10 17.80
C HIS B 235 2.98 -24.19 16.87
N ARG B 236 3.45 -23.81 15.70
CA ARG B 236 3.78 -24.79 14.67
C ARG B 236 5.25 -25.20 14.68
N VAL B 237 6.12 -24.33 15.20
CA VAL B 237 7.55 -24.59 15.23
C VAL B 237 8.04 -24.39 16.64
N PRO B 238 8.31 -25.49 17.35
CA PRO B 238 8.74 -25.37 18.74
C PRO B 238 10.04 -24.58 18.86
N VAL B 239 10.01 -23.51 19.64
CA VAL B 239 11.19 -22.69 19.86
C VAL B 239 11.42 -22.47 21.35
N LYS B 240 12.63 -22.05 21.68
CA LYS B 240 12.98 -21.78 23.07
C LYS B 240 13.68 -20.43 23.17
N LEU B 241 13.42 -19.74 24.28
CA LEU B 241 13.99 -18.42 24.51
C LEU B 241 15.48 -18.52 24.82
N VAL B 242 16.28 -17.73 24.12
CA VAL B 242 17.71 -17.67 24.34
C VAL B 242 18.05 -16.49 25.23
N GLU B 243 17.47 -15.34 24.92
CA GLU B 243 17.74 -14.15 25.70
C GLU B 243 16.71 -13.09 25.41
N SER B 244 16.61 -12.14 26.34
CA SER B 244 15.68 -11.03 26.20
C SER B 244 16.20 -9.83 26.95
N ALA B 245 15.71 -8.66 26.56
CA ALA B 245 16.01 -7.41 27.25
C ALA B 245 14.89 -6.42 27.02
N TYR B 246 14.62 -5.60 28.03
CA TYR B 246 13.64 -4.52 27.97
C TYR B 246 14.32 -3.20 28.30
N ALA B 247 13.90 -2.14 27.62
CA ALA B 247 14.34 -0.79 27.98
C ALA B 247 13.25 0.21 27.70
N CYS B 248 13.17 1.23 28.54
CA CYS B 248 12.21 2.29 28.34
C CYS B 248 12.87 3.64 28.64
N PRO B 249 13.78 4.08 27.76
CA PRO B 249 14.54 5.30 28.04
C PRO B 249 13.71 6.58 27.96
N THR B 250 12.71 6.60 27.08
CA THR B 250 11.92 7.82 26.90
C THR B 250 10.45 7.58 27.26
N TYR B 251 9.56 7.46 26.28
CA TYR B 251 8.16 7.35 26.61
C TYR B 251 7.51 6.01 26.20
N PHE B 252 8.32 5.11 25.66
CA PHE B 252 7.78 3.86 25.11
C PHE B 252 8.68 2.67 25.40
N GLY B 253 8.04 1.53 25.66
CA GLY B 253 8.75 0.30 25.95
C GLY B 253 9.30 -0.36 24.71
N MET B 254 10.53 -0.85 24.81
CA MET B 254 11.18 -1.60 23.74
C MET B 254 11.69 -2.92 24.29
N ALA B 255 11.53 -3.99 23.53
CA ALA B 255 12.08 -5.28 23.92
C ALA B 255 12.83 -5.94 22.78
N GLY B 256 13.86 -6.70 23.11
CA GLY B 256 14.53 -7.57 22.17
C GLY B 256 14.44 -8.97 22.72
N ALA B 257 14.17 -9.95 21.87
CA ALA B 257 14.13 -11.33 22.33
C ALA B 257 14.47 -12.27 21.18
N LEU B 258 15.24 -13.30 21.48
CA LEU B 258 15.69 -14.27 20.50
C LEU B 258 15.20 -15.64 20.91
N TRP B 259 14.48 -16.29 20.01
CA TRP B 259 14.09 -17.68 20.16
C TRP B 259 14.73 -18.49 19.03
N VAL B 260 15.22 -19.68 19.36
CA VAL B 260 15.75 -20.59 18.34
C VAL B 260 15.02 -21.93 18.46
N ARG B 261 15.25 -22.84 17.53
CA ARG B 261 14.50 -24.09 17.52
C ARG B 261 14.73 -24.90 18.80
N GLU B 262 13.66 -25.50 19.29
CA GLU B 262 13.70 -26.29 20.52
C GLU B 262 14.45 -27.60 20.32
#